data_8RCX
#
_entry.id   8RCX
#
_cell.length_a   115.313
_cell.length_b   115.313
_cell.length_c   70.713
_cell.angle_alpha   90.000
_cell.angle_beta   90.000
_cell.angle_gamma   120.000
#
_symmetry.space_group_name_H-M   'P 61'
#
loop_
_entity.id
_entity.type
_entity.pdbx_description
1 polymer 'HTH-type transcriptional regulator VirS'
2 non-polymer 4,4,4-tris(fluoranyl)-1-[3-(trifluoromethyl)-1-oxa-2,8-diazaspiro[4.5]dec-2-en-8-yl]butan-1-one
3 water water
#
_entity_poly.entity_id   1
_entity_poly.type   'polypeptide(L)'
_entity_poly.pdbx_seq_one_letter_code
;MGSSHHHHHHSSGLVPRGSHMDPEEASVTSTEETLTPAQEAAETEAANKAEEEAELEAETAEQMELGSLIRATNLWGYTD
LMRELGADPLPFLRRFDIPPGIEHQEDAFMSLAGFVRMLEASAAELDCPDFGLRLARWQGLGILGPVAVIARNAATLFGG
LEAIGRYLYVHSPALTLTVSSTTARSNVRFGYEVTEPGIPYPLQGYELSMANAARMIRLLGGPQARARVFSFRHAQLGTD
AAYREALGCTVRFGRTWCGFEVDHRLAGRPIDHADPETKRIATKYLESQYLPSDATLSERVVGLARRLLPTGQCSAEAIA
DQLDMHPRTLQRRLAAEGLRCHDLIERERRAQAARYLAQPGLYLSQIAVLLGYSEQSALNRSCRRWFGMTPRQYRAYGGV
SGR
;
_entity_poly.pdbx_strand_id   A,B
#
# COMPACT_ATOMS: atom_id res chain seq x y z
N GLY A 67 1.79 -23.85 -1.00
CA GLY A 67 1.19 -22.55 -0.63
C GLY A 67 0.33 -22.70 0.61
N SER A 68 0.25 -21.65 1.43
CA SER A 68 -0.45 -21.70 2.72
C SER A 68 -1.94 -21.88 2.54
N LEU A 69 -2.52 -22.59 3.50
CA LEU A 69 -3.95 -22.76 3.62
C LEU A 69 -4.50 -21.76 4.62
N ILE A 70 -5.80 -21.51 4.52
CA ILE A 70 -6.54 -20.72 5.51
C ILE A 70 -7.86 -21.43 5.80
N ARG A 71 -8.35 -21.38 7.02
CA ARG A 71 -9.60 -22.00 7.39
C ARG A 71 -10.73 -21.50 6.49
N ALA A 72 -11.54 -22.45 5.92
CA ALA A 72 -12.55 -22.09 4.94
C ALA A 72 -13.75 -21.38 5.52
N THR A 73 -13.82 -21.20 6.87
CA THR A 73 -14.76 -20.30 7.46
C THR A 73 -14.59 -18.86 7.00
N ASN A 74 -13.40 -18.53 6.46
CA ASN A 74 -13.18 -17.18 5.98
C ASN A 74 -13.92 -16.94 4.67
N LEU A 75 -14.57 -17.98 4.13
CA LEU A 75 -15.44 -17.87 2.97
C LEU A 75 -16.91 -17.69 3.32
N TRP A 76 -17.25 -17.81 4.63
CA TRP A 76 -18.62 -17.64 5.06
C TRP A 76 -19.24 -16.41 4.43
N GLY A 77 -20.43 -16.55 3.84
CA GLY A 77 -21.14 -15.42 3.25
C GLY A 77 -20.87 -15.19 1.76
N TYR A 78 -19.87 -15.86 1.20
CA TYR A 78 -19.43 -15.57 -0.14
C TYR A 78 -20.60 -15.81 -1.10
N THR A 79 -21.21 -16.98 -0.95
CA THR A 79 -22.32 -17.28 -1.85
C THR A 79 -23.44 -16.23 -1.71
N ASP A 80 -23.84 -15.91 -0.47
CA ASP A 80 -24.92 -15.01 -0.13
C ASP A 80 -24.64 -13.61 -0.69
N LEU A 81 -23.41 -13.12 -0.47
CA LEU A 81 -23.05 -11.77 -0.90
C LEU A 81 -23.08 -11.71 -2.44
N MET A 82 -22.52 -12.72 -3.11
CA MET A 82 -22.41 -12.72 -4.55
C MET A 82 -23.83 -12.67 -5.14
N ARG A 83 -24.77 -13.39 -4.51
CA ARG A 83 -26.17 -13.37 -4.91
C ARG A 83 -26.82 -12.01 -4.66
N GLU A 84 -26.48 -11.41 -3.51
CA GLU A 84 -26.95 -10.08 -3.17
C GLU A 84 -26.56 -9.08 -4.27
N LEU A 85 -25.35 -9.20 -4.80
CA LEU A 85 -24.83 -8.37 -5.87
C LEU A 85 -25.26 -8.84 -7.26
N GLY A 86 -26.12 -9.88 -7.37
CA GLY A 86 -26.63 -10.33 -8.65
C GLY A 86 -25.63 -11.16 -9.45
N ALA A 87 -24.60 -11.71 -8.79
CA ALA A 87 -23.56 -12.42 -9.51
C ALA A 87 -23.64 -13.89 -9.15
N ASP A 88 -23.19 -14.72 -10.07
CA ASP A 88 -23.11 -16.17 -9.84
C ASP A 88 -21.75 -16.50 -9.21
N PRO A 89 -21.70 -17.04 -7.96
CA PRO A 89 -20.41 -17.32 -7.33
C PRO A 89 -19.63 -18.47 -7.94
N LEU A 90 -20.33 -19.45 -8.58
CA LEU A 90 -19.66 -20.65 -9.02
C LEU A 90 -18.51 -20.45 -9.99
N PRO A 91 -18.61 -19.61 -11.06
CA PRO A 91 -17.46 -19.38 -11.95
C PRO A 91 -16.22 -18.79 -11.28
N PHE A 92 -16.43 -18.00 -10.20
CA PHE A 92 -15.33 -17.42 -9.44
C PHE A 92 -14.61 -18.52 -8.65
N LEU A 93 -15.43 -19.35 -7.99
CA LEU A 93 -14.83 -20.42 -7.20
C LEU A 93 -13.99 -21.35 -8.06
N ARG A 94 -14.51 -21.63 -9.27
CA ARG A 94 -13.80 -22.52 -10.17
C ARG A 94 -12.52 -21.84 -10.66
N ARG A 95 -12.63 -20.55 -11.05
CA ARG A 95 -11.49 -19.76 -11.49
C ARG A 95 -10.35 -19.79 -10.48
N PHE A 96 -10.67 -19.68 -9.17
CA PHE A 96 -9.62 -19.61 -8.17
C PHE A 96 -9.34 -20.91 -7.42
N ASP A 97 -9.87 -22.03 -7.99
CA ASP A 97 -9.57 -23.38 -7.48
C ASP A 97 -9.99 -23.52 -6.01
N ILE A 98 -11.19 -23.04 -5.71
CA ILE A 98 -11.77 -23.16 -4.39
C ILE A 98 -12.87 -24.20 -4.57
N PRO A 99 -12.85 -25.30 -3.82
CA PRO A 99 -13.87 -26.36 -4.03
C PRO A 99 -15.24 -25.79 -3.75
N PRO A 100 -16.27 -25.89 -4.63
CA PRO A 100 -17.61 -25.44 -4.21
C PRO A 100 -18.10 -26.29 -3.03
N GLY A 101 -18.86 -25.65 -2.19
CA GLY A 101 -19.35 -26.33 -1.02
C GLY A 101 -18.38 -26.24 0.15
N ILE A 102 -17.13 -25.79 -0.04
CA ILE A 102 -16.23 -25.79 1.10
C ILE A 102 -16.64 -24.75 2.15
N GLU A 103 -17.43 -23.73 1.77
CA GLU A 103 -17.89 -22.70 2.67
C GLU A 103 -18.57 -23.25 3.93
N HIS A 104 -19.29 -24.36 3.72
CA HIS A 104 -20.10 -24.99 4.75
C HIS A 104 -19.54 -26.33 5.21
N GLN A 105 -18.27 -26.60 4.99
CA GLN A 105 -17.62 -27.82 5.41
C GLN A 105 -16.74 -27.54 6.61
N GLU A 106 -17.25 -27.82 7.82
CA GLU A 106 -16.51 -27.51 9.01
C GLU A 106 -15.11 -28.15 8.98
N ASP A 107 -14.15 -27.42 9.54
CA ASP A 107 -12.76 -27.83 9.67
C ASP A 107 -12.07 -27.97 8.30
N ALA A 108 -12.67 -27.54 7.18
CA ALA A 108 -11.96 -27.52 5.92
C ALA A 108 -11.09 -26.29 5.79
N PHE A 109 -10.13 -26.43 4.89
CA PHE A 109 -9.17 -25.36 4.61
C PHE A 109 -9.01 -25.17 3.11
N MET A 110 -8.79 -23.93 2.73
CA MET A 110 -8.73 -23.52 1.34
C MET A 110 -7.40 -22.80 1.07
N SER A 111 -7.04 -22.64 -0.21
CA SER A 111 -5.84 -21.88 -0.60
C SER A 111 -6.00 -20.39 -0.20
N LEU A 112 -5.05 -19.88 0.60
CA LEU A 112 -5.07 -18.44 0.92
C LEU A 112 -4.84 -17.60 -0.35
N ALA A 113 -3.89 -18.02 -1.19
CA ALA A 113 -3.62 -17.27 -2.40
C ALA A 113 -4.84 -17.24 -3.30
N GLY A 114 -5.51 -18.41 -3.48
CA GLY A 114 -6.71 -18.39 -4.31
C GLY A 114 -7.81 -17.52 -3.70
N PHE A 115 -7.95 -17.57 -2.37
CA PHE A 115 -8.97 -16.74 -1.71
C PHE A 115 -8.74 -15.23 -1.86
N VAL A 116 -7.50 -14.80 -1.65
CA VAL A 116 -7.21 -13.37 -1.72
C VAL A 116 -7.36 -12.87 -3.16
N ARG A 117 -6.98 -13.71 -4.12
CA ARG A 117 -7.19 -13.31 -5.51
C ARG A 117 -8.66 -13.30 -5.93
N MET A 118 -9.44 -14.23 -5.39
CA MET A 118 -10.87 -14.22 -5.65
C MET A 118 -11.55 -12.99 -5.09
N LEU A 119 -11.14 -12.57 -3.87
CA LEU A 119 -11.74 -11.37 -3.33
C LEU A 119 -11.45 -10.14 -4.23
N GLU A 120 -10.20 -10.05 -4.71
CA GLU A 120 -9.85 -8.94 -5.59
C GLU A 120 -10.71 -9.00 -6.85
N ALA A 121 -10.82 -10.20 -7.42
CA ALA A 121 -11.55 -10.33 -8.68
C ALA A 121 -13.03 -9.96 -8.50
N SER A 122 -13.63 -10.39 -7.37
CA SER A 122 -15.03 -10.10 -7.07
C SER A 122 -15.29 -8.60 -6.93
N ALA A 123 -14.40 -7.93 -6.17
CA ALA A 123 -14.50 -6.50 -5.98
C ALA A 123 -14.33 -5.74 -7.31
N ALA A 124 -13.38 -6.16 -8.12
CA ALA A 124 -13.08 -5.44 -9.36
C ALA A 124 -14.20 -5.68 -10.38
N GLU A 125 -14.60 -6.93 -10.61
CA GLU A 125 -15.51 -7.28 -11.68
C GLU A 125 -16.95 -6.90 -11.36
N LEU A 126 -17.38 -6.79 -10.08
CA LEU A 126 -18.71 -6.36 -9.69
C LEU A 126 -18.83 -4.91 -9.27
N ASP A 127 -17.72 -4.19 -9.35
CA ASP A 127 -17.64 -2.77 -9.00
C ASP A 127 -18.20 -2.62 -7.61
N CYS A 128 -17.59 -3.46 -6.73
CA CYS A 128 -17.96 -3.49 -5.33
C CYS A 128 -16.69 -3.26 -4.49
N PRO A 129 -16.29 -1.97 -4.32
CA PRO A 129 -15.00 -1.68 -3.70
C PRO A 129 -14.93 -2.10 -2.21
N ASP A 130 -16.10 -2.29 -1.59
CA ASP A 130 -16.21 -2.63 -0.18
C ASP A 130 -16.59 -4.10 0.01
N PHE A 131 -16.29 -4.95 -0.99
CA PHE A 131 -16.59 -6.37 -0.92
C PHE A 131 -16.16 -7.01 0.38
N GLY A 132 -14.90 -6.84 0.72
CA GLY A 132 -14.38 -7.45 1.94
C GLY A 132 -15.06 -6.91 3.19
N LEU A 133 -15.27 -5.59 3.25
CA LEU A 133 -15.97 -5.02 4.39
C LEU A 133 -17.37 -5.67 4.57
N ARG A 134 -18.08 -5.80 3.45
CA ARG A 134 -19.43 -6.34 3.44
C ARG A 134 -19.43 -7.81 3.87
N LEU A 135 -18.42 -8.58 3.45
CA LEU A 135 -18.41 -10.02 3.69
C LEU A 135 -18.30 -10.31 5.18
N ALA A 136 -17.70 -9.37 5.95
CA ALA A 136 -17.59 -9.57 7.37
C ALA A 136 -18.95 -9.74 8.08
N ARG A 137 -20.04 -9.24 7.50
CA ARG A 137 -21.34 -9.34 8.14
C ARG A 137 -21.78 -10.79 8.33
N TRP A 138 -21.16 -11.74 7.59
CA TRP A 138 -21.44 -13.17 7.73
C TRP A 138 -20.43 -13.93 8.59
N GLN A 139 -19.44 -13.20 9.18
CA GLN A 139 -18.23 -13.80 9.73
C GLN A 139 -18.10 -13.50 11.21
N GLY A 140 -17.16 -12.65 11.61
CA GLY A 140 -16.94 -12.40 13.02
C GLY A 140 -16.15 -13.51 13.72
N LEU A 141 -16.19 -13.51 15.07
CA LEU A 141 -15.31 -14.34 15.86
C LEU A 141 -15.45 -15.83 15.58
N GLY A 142 -16.65 -16.25 15.19
CA GLY A 142 -16.86 -17.67 14.99
C GLY A 142 -16.01 -18.28 13.88
N ILE A 143 -15.52 -17.46 12.94
CA ILE A 143 -14.71 -18.03 11.88
C ILE A 143 -13.38 -18.57 12.42
N LEU A 144 -12.95 -18.16 13.61
CA LEU A 144 -11.69 -18.66 14.17
C LEU A 144 -11.77 -20.07 14.76
N GLY A 145 -12.99 -20.60 14.83
CA GLY A 145 -13.12 -22.01 15.16
C GLY A 145 -12.44 -22.31 16.49
N PRO A 146 -11.43 -23.25 16.59
CA PRO A 146 -10.89 -23.63 17.89
C PRO A 146 -10.26 -22.40 18.58
N VAL A 147 -9.74 -21.46 17.79
CA VAL A 147 -9.04 -20.32 18.37
C VAL A 147 -10.05 -19.40 19.04
N ALA A 148 -11.31 -19.38 18.56
CA ALA A 148 -12.35 -18.61 19.20
C ALA A 148 -12.69 -19.18 20.55
N VAL A 149 -12.72 -20.52 20.65
CA VAL A 149 -12.96 -21.15 21.93
C VAL A 149 -11.93 -20.69 22.96
N ILE A 150 -10.67 -20.65 22.56
CA ILE A 150 -9.59 -20.21 23.43
C ILE A 150 -9.78 -18.75 23.79
N ALA A 151 -10.07 -17.91 22.82
CA ALA A 151 -10.22 -16.50 23.11
C ALA A 151 -11.32 -16.18 24.10
N ARG A 152 -12.43 -16.89 23.96
CA ARG A 152 -13.63 -16.59 24.76
C ARG A 152 -13.36 -17.02 26.20
N ASN A 153 -12.36 -17.86 26.42
CA ASN A 153 -12.01 -18.44 27.72
C ASN A 153 -11.04 -17.51 28.46
N ALA A 154 -10.53 -16.45 27.79
CA ALA A 154 -9.57 -15.62 28.47
C ALA A 154 -10.25 -14.76 29.54
N ALA A 155 -9.39 -14.22 30.39
CA ALA A 155 -9.88 -13.37 31.48
C ALA A 155 -10.30 -11.96 31.05
N THR A 156 -9.52 -11.33 30.16
CA THR A 156 -9.78 -9.96 29.74
C THR A 156 -9.70 -9.85 28.22
N LEU A 157 -10.25 -8.76 27.67
CA LEU A 157 -10.25 -8.54 26.22
C LEU A 157 -8.82 -8.63 25.73
N PHE A 158 -7.84 -8.00 26.42
CA PHE A 158 -6.44 -8.11 26.02
C PHE A 158 -6.00 -9.57 25.93
N GLY A 159 -6.33 -10.37 26.91
CA GLY A 159 -5.96 -11.78 26.91
C GLY A 159 -6.60 -12.54 25.75
N GLY A 160 -7.83 -12.23 25.41
CA GLY A 160 -8.57 -12.88 24.32
C GLY A 160 -7.96 -12.57 22.95
N LEU A 161 -7.63 -11.31 22.76
CA LEU A 161 -6.99 -10.86 21.50
C LEU A 161 -5.56 -11.40 21.45
N GLU A 162 -4.82 -11.42 22.56
CA GLU A 162 -3.43 -11.90 22.55
C GLU A 162 -3.39 -13.41 22.32
N ALA A 163 -4.42 -14.15 22.74
CA ALA A 163 -4.50 -15.58 22.45
C ALA A 163 -4.76 -15.79 20.96
N ILE A 164 -5.63 -14.94 20.41
CA ILE A 164 -5.80 -15.02 18.95
C ILE A 164 -4.46 -14.81 18.27
N GLY A 165 -3.73 -13.77 18.68
CA GLY A 165 -2.38 -13.56 18.12
C GLY A 165 -1.42 -14.72 18.27
N ARG A 166 -1.35 -15.31 19.46
CA ARG A 166 -0.46 -16.42 19.69
C ARG A 166 -0.80 -17.59 18.75
N TYR A 167 -2.11 -17.87 18.56
CA TYR A 167 -2.46 -19.07 17.84
C TYR A 167 -2.94 -18.79 16.42
N LEU A 168 -2.66 -17.60 15.87
CA LEU A 168 -3.31 -17.28 14.59
C LEU A 168 -2.83 -18.19 13.47
N TYR A 169 -1.67 -18.77 13.64
CA TYR A 169 -1.17 -19.73 12.64
C TYR A 169 -2.14 -20.91 12.43
N VAL A 170 -2.94 -21.23 13.44
CA VAL A 170 -3.92 -22.30 13.32
C VAL A 170 -5.01 -21.93 12.31
N HIS A 171 -5.29 -20.65 12.18
CA HIS A 171 -6.21 -20.14 11.20
C HIS A 171 -5.54 -20.13 9.83
N SER A 172 -4.32 -19.59 9.73
CA SER A 172 -3.49 -19.64 8.53
C SER A 172 -2.08 -19.36 8.93
N PRO A 173 -1.07 -20.12 8.50
CA PRO A 173 0.33 -19.75 8.73
C PRO A 173 0.81 -18.45 8.07
N ALA A 174 0.01 -17.91 7.16
CA ALA A 174 0.41 -16.69 6.46
C ALA A 174 0.02 -15.44 7.19
N LEU A 175 -0.66 -15.60 8.33
CA LEU A 175 -1.11 -14.45 9.08
C LEU A 175 -0.29 -14.22 10.37
N THR A 176 0.16 -12.97 10.59
CA THR A 176 0.88 -12.65 11.78
C THR A 176 0.23 -11.46 12.47
N LEU A 177 -0.02 -11.60 13.78
CA LEU A 177 -0.50 -10.51 14.59
C LEU A 177 0.59 -10.20 15.60
N THR A 178 0.94 -8.90 15.67
CA THR A 178 1.91 -8.45 16.66
C THR A 178 1.21 -7.54 17.66
N VAL A 179 1.26 -7.93 18.92
CA VAL A 179 0.57 -7.24 20.01
C VAL A 179 1.64 -6.47 20.78
N SER A 180 1.56 -5.13 20.82
CA SER A 180 2.60 -4.35 21.48
C SER A 180 2.02 -3.16 22.24
N SER A 181 2.71 -2.86 23.34
CA SER A 181 2.44 -1.64 24.07
C SER A 181 3.80 -1.05 24.47
N THR A 182 3.90 0.28 24.43
CA THR A 182 5.17 0.92 24.76
C THR A 182 4.87 2.14 25.64
N THR A 183 5.85 2.47 26.48
CA THR A 183 5.76 3.66 27.34
C THR A 183 5.59 4.92 26.49
N ALA A 184 6.12 4.90 25.28
CA ALA A 184 6.21 6.10 24.45
C ALA A 184 4.94 6.46 23.70
N ARG A 185 3.93 5.60 23.65
CA ARG A 185 2.76 5.77 22.82
C ARG A 185 1.53 5.35 23.59
N SER A 186 0.36 5.94 23.26
CA SER A 186 -0.92 5.47 23.74
C SER A 186 -1.29 4.09 23.18
N ASN A 187 -2.02 3.31 23.97
CA ASN A 187 -2.83 2.15 23.55
C ASN A 187 -2.02 0.89 23.43
N VAL A 188 -2.75 -0.22 23.28
CA VAL A 188 -2.17 -1.49 22.87
C VAL A 188 -2.40 -1.58 21.36
N ARG A 189 -1.33 -1.85 20.61
CA ARG A 189 -1.44 -1.97 19.16
C ARG A 189 -1.43 -3.43 18.74
N PHE A 190 -2.35 -3.68 17.81
CA PHE A 190 -2.53 -5.00 17.21
C PHE A 190 -2.18 -4.81 15.73
N GLY A 191 -0.93 -5.15 15.38
CA GLY A 191 -0.44 -5.00 14.02
C GLY A 191 -0.59 -6.31 13.26
N TYR A 192 -1.04 -6.21 12.03
CA TYR A 192 -1.51 -7.37 11.29
C TYR A 192 -0.86 -7.39 9.93
N GLU A 193 -0.41 -8.59 9.54
CA GLU A 193 0.25 -8.79 8.28
C GLU A 193 -0.17 -10.08 7.62
N VAL A 194 -0.40 -10.04 6.32
CA VAL A 194 -0.61 -11.21 5.51
C VAL A 194 0.66 -11.39 4.69
N THR A 195 1.36 -12.51 4.86
CA THR A 195 2.61 -12.74 4.16
C THR A 195 2.50 -14.08 3.44
N GLU A 196 2.47 -14.07 2.13
CA GLU A 196 2.38 -15.29 1.40
C GLU A 196 3.16 -15.10 0.09
N PRO A 197 4.14 -15.97 -0.23
CA PRO A 197 4.84 -15.89 -1.52
C PRO A 197 3.90 -15.68 -2.69
N GLY A 198 4.15 -14.61 -3.47
CA GLY A 198 3.54 -14.49 -4.78
C GLY A 198 2.13 -13.91 -4.89
N ILE A 199 1.50 -13.50 -3.81
CA ILE A 199 0.20 -12.91 -3.93
C ILE A 199 0.28 -11.41 -4.25
N PRO A 200 -0.75 -10.87 -4.93
CA PRO A 200 -0.93 -9.42 -5.02
C PRO A 200 -1.18 -8.92 -3.61
N TYR A 201 -0.94 -7.64 -3.42
CA TYR A 201 -1.30 -7.02 -2.14
C TYR A 201 -2.79 -7.31 -1.89
N PRO A 202 -3.12 -7.91 -0.71
CA PRO A 202 -4.49 -8.40 -0.51
C PRO A 202 -5.39 -7.34 0.12
N LEU A 203 -5.70 -6.31 -0.68
CA LEU A 203 -6.43 -5.16 -0.17
C LEU A 203 -7.77 -5.57 0.45
N GLN A 204 -8.57 -6.32 -0.33
CA GLN A 204 -9.88 -6.75 0.15
C GLN A 204 -9.72 -7.67 1.36
N GLY A 205 -8.72 -8.54 1.33
CA GLY A 205 -8.36 -9.38 2.48
C GLY A 205 -8.06 -8.59 3.76
N TYR A 206 -7.27 -7.53 3.62
CA TYR A 206 -7.03 -6.70 4.80
C TYR A 206 -8.27 -6.02 5.30
N GLU A 207 -9.18 -5.59 4.43
CA GLU A 207 -10.42 -4.93 4.89
C GLU A 207 -11.38 -5.91 5.55
N LEU A 208 -11.48 -7.12 4.96
CA LEU A 208 -12.23 -8.18 5.60
C LEU A 208 -11.69 -8.49 7.00
N SER A 209 -10.36 -8.56 7.12
CA SER A 209 -9.68 -8.91 8.37
C SER A 209 -10.01 -7.86 9.44
N MET A 210 -9.96 -6.57 9.11
CA MET A 210 -10.21 -5.51 10.06
C MET A 210 -11.68 -5.39 10.39
N ALA A 211 -12.60 -5.59 9.40
CA ALA A 211 -14.02 -5.59 9.72
C ALA A 211 -14.42 -6.76 10.65
N ASN A 212 -13.75 -7.88 10.46
CA ASN A 212 -13.86 -9.01 11.35
C ASN A 212 -13.30 -8.64 12.73
N ALA A 213 -12.17 -8.00 12.78
CA ALA A 213 -11.60 -7.61 14.06
C ALA A 213 -12.55 -6.70 14.83
N ALA A 214 -13.19 -5.73 14.16
CA ALA A 214 -14.13 -4.88 14.85
C ALA A 214 -15.26 -5.73 15.44
N ARG A 215 -15.75 -6.74 14.71
CA ARG A 215 -16.76 -7.64 15.24
C ARG A 215 -16.26 -8.41 16.45
N MET A 216 -15.03 -8.89 16.41
CA MET A 216 -14.45 -9.66 17.50
C MET A 216 -14.35 -8.78 18.76
N ILE A 217 -13.98 -7.51 18.57
CA ILE A 217 -13.87 -6.55 19.68
C ILE A 217 -15.24 -6.38 20.35
N ARG A 218 -16.31 -6.27 19.55
CA ARG A 218 -17.64 -6.11 20.11
C ARG A 218 -18.08 -7.42 20.78
N LEU A 219 -17.75 -8.61 20.27
CA LEU A 219 -18.18 -9.85 20.92
C LEU A 219 -17.44 -10.06 22.25
N LEU A 220 -16.14 -9.86 22.28
CA LEU A 220 -15.33 -10.12 23.44
C LEU A 220 -15.39 -8.96 24.44
N GLY A 221 -15.67 -7.75 23.96
CA GLY A 221 -15.55 -6.51 24.72
C GLY A 221 -16.92 -5.92 25.07
N GLY A 222 -17.99 -6.53 24.60
CA GLY A 222 -19.33 -6.03 24.82
C GLY A 222 -19.79 -5.04 23.75
N PRO A 223 -21.09 -4.83 23.55
CA PRO A 223 -21.54 -4.27 22.27
C PRO A 223 -21.22 -2.78 22.05
N GLN A 224 -20.79 -2.00 23.09
CA GLN A 224 -20.27 -0.65 22.92
C GLN A 224 -18.75 -0.57 22.69
N ALA A 225 -18.06 -1.72 22.68
CA ALA A 225 -16.59 -1.73 22.58
C ALA A 225 -16.14 -1.41 21.17
N ARG A 226 -15.17 -0.52 21.06
CA ARG A 226 -14.62 -0.08 19.80
C ARG A 226 -13.11 0.07 19.94
N ALA A 227 -12.39 -0.26 18.87
CA ALA A 227 -11.01 0.14 18.77
C ALA A 227 -10.97 1.65 18.86
N ARG A 228 -9.79 2.18 19.14
CA ARG A 228 -9.51 3.61 19.06
C ARG A 228 -9.19 4.11 17.66
N VAL A 229 -8.53 3.23 16.89
CA VAL A 229 -8.19 3.51 15.49
C VAL A 229 -8.03 2.18 14.74
N PHE A 230 -8.35 2.26 13.45
CA PHE A 230 -7.92 1.24 12.49
C PHE A 230 -6.95 1.87 11.50
N SER A 231 -5.93 1.10 11.07
CA SER A 231 -4.94 1.63 10.12
C SER A 231 -4.83 0.66 8.94
N PHE A 232 -4.77 1.20 7.70
CA PHE A 232 -4.49 0.42 6.50
C PHE A 232 -3.25 0.94 5.77
N ARG A 233 -2.55 0.06 5.06
CA ARG A 233 -1.39 0.41 4.26
C ARG A 233 -1.84 1.15 2.99
N HIS A 234 -3.00 0.79 2.47
CA HIS A 234 -3.49 1.32 1.19
C HIS A 234 -4.29 2.60 1.40
N ALA A 235 -4.43 3.39 0.30
CA ALA A 235 -5.38 4.48 0.27
C ALA A 235 -6.83 4.02 0.28
N GLN A 236 -7.72 4.87 0.78
CA GLN A 236 -9.14 4.57 0.89
C GLN A 236 -9.71 4.13 -0.46
N LEU A 237 -10.52 3.06 -0.42
CA LEU A 237 -11.12 2.57 -1.65
C LEU A 237 -12.62 2.83 -1.62
N GLY A 238 -13.30 2.20 -0.67
CA GLY A 238 -14.73 2.34 -0.53
C GLY A 238 -15.16 3.73 -0.04
N THR A 239 -16.47 3.86 0.18
CA THR A 239 -17.01 5.12 0.67
C THR A 239 -16.69 5.37 2.16
N ASP A 240 -16.77 6.63 2.58
CA ASP A 240 -16.58 6.92 3.99
C ASP A 240 -17.59 6.14 4.83
N ALA A 241 -18.85 6.09 4.35
CA ALA A 241 -19.91 5.42 5.07
C ALA A 241 -19.60 3.93 5.24
N ALA A 242 -19.07 3.29 4.21
CA ALA A 242 -18.73 1.85 4.30
C ALA A 242 -17.75 1.60 5.44
N TYR A 243 -16.69 2.42 5.49
CA TYR A 243 -15.70 2.18 6.54
C TYR A 243 -16.29 2.50 7.91
N ARG A 244 -17.05 3.62 8.00
CA ARG A 244 -17.58 3.97 9.29
C ARG A 244 -18.54 2.88 9.78
N GLU A 245 -19.37 2.32 8.91
CA GLU A 245 -20.31 1.31 9.36
C GLU A 245 -19.57 0.04 9.81
N ALA A 246 -18.50 -0.35 9.10
CA ALA A 246 -17.79 -1.58 9.44
C ALA A 246 -16.88 -1.40 10.66
N LEU A 247 -16.26 -0.22 10.81
CA LEU A 247 -15.12 -0.07 11.71
C LEU A 247 -15.49 0.82 12.88
N GLY A 248 -16.23 1.93 12.54
CA GLY A 248 -16.77 2.87 13.52
C GLY A 248 -15.80 4.04 13.63
N CYS A 249 -14.82 3.75 14.41
CA CYS A 249 -13.84 4.72 14.82
C CYS A 249 -13.13 5.31 13.56
N THR A 250 -12.32 6.28 13.84
CA THR A 250 -11.25 6.75 13.09
C THR A 250 -10.52 5.64 12.34
N VAL A 251 -10.39 5.91 11.04
CA VAL A 251 -9.73 4.98 10.15
C VAL A 251 -8.65 5.80 9.47
N ARG A 252 -7.44 5.30 9.52
CA ARG A 252 -6.28 5.92 8.90
C ARG A 252 -5.84 5.12 7.69
N PHE A 253 -5.55 5.82 6.60
CA PHE A 253 -5.20 5.18 5.35
C PHE A 253 -3.81 5.54 4.89
N GLY A 254 -3.26 4.71 4.02
CA GLY A 254 -2.01 5.02 3.39
C GLY A 254 -0.84 5.04 4.36
N ARG A 255 -0.92 4.20 5.42
CA ARG A 255 0.06 4.20 6.48
C ARG A 255 1.07 3.10 6.37
N THR A 256 2.09 3.15 7.27
CA THR A 256 3.19 2.22 7.27
C THR A 256 2.85 0.85 7.87
N TRP A 257 1.67 0.78 8.53
CA TRP A 257 1.26 -0.42 9.25
C TRP A 257 -0.23 -0.61 9.08
N CYS A 258 -0.68 -1.90 9.26
CA CYS A 258 -2.10 -2.22 9.21
C CYS A 258 -2.47 -2.83 10.56
N GLY A 259 -3.62 -2.46 11.11
CA GLY A 259 -4.13 -3.09 12.30
C GLY A 259 -5.01 -2.13 13.07
N PHE A 260 -5.07 -2.30 14.40
CA PHE A 260 -5.95 -1.47 15.21
C PHE A 260 -5.33 -1.31 16.62
N GLU A 261 -5.86 -0.30 17.33
CA GLU A 261 -5.40 -0.07 18.68
C GLU A 261 -6.60 -0.09 19.60
N VAL A 262 -6.35 -0.49 20.86
N VAL A 262 -6.41 -0.61 20.80
CA VAL A 262 -7.36 -0.58 21.91
CA VAL A 262 -7.40 -0.37 21.84
C VAL A 262 -6.74 0.10 23.14
C VAL A 262 -6.70 0.31 23.01
N ASP A 263 -7.49 1.02 23.79
CA ASP A 263 -6.96 1.63 25.00
C ASP A 263 -6.92 0.63 26.12
N HIS A 264 -6.13 0.95 27.15
CA HIS A 264 -5.98 0.05 28.29
C HIS A 264 -7.28 -0.16 29.10
N ARG A 265 -8.15 0.85 29.16
CA ARG A 265 -9.43 0.67 29.85
C ARG A 265 -10.19 -0.50 29.24
N LEU A 266 -10.30 -0.49 27.91
CA LEU A 266 -11.03 -1.55 27.23
C LEU A 266 -10.24 -2.84 27.31
N ALA A 267 -8.93 -2.78 27.11
CA ALA A 267 -8.13 -3.99 27.08
C ALA A 267 -8.23 -4.79 28.37
N GLY A 268 -8.38 -4.05 29.49
CA GLY A 268 -8.44 -4.65 30.81
C GLY A 268 -9.83 -5.14 31.18
N ARG A 269 -10.84 -4.95 30.34
CA ARG A 269 -12.22 -5.30 30.67
C ARG A 269 -12.38 -6.80 30.72
N PRO A 270 -13.00 -7.40 31.75
CA PRO A 270 -13.21 -8.81 31.78
C PRO A 270 -14.16 -9.26 30.66
N ILE A 271 -13.91 -10.41 30.06
CA ILE A 271 -14.85 -10.99 29.10
C ILE A 271 -16.16 -11.42 29.84
N GLY B 67 -2.19 -5.71 -13.53
CA GLY B 67 -1.53 -4.49 -13.09
C GLY B 67 -0.47 -4.05 -14.11
N SER B 68 -0.06 -2.83 -13.91
CA SER B 68 0.85 -2.18 -14.82
C SER B 68 2.32 -2.60 -14.67
N LEU B 69 3.08 -2.48 -15.79
CA LEU B 69 4.52 -2.57 -15.78
C LEU B 69 5.15 -1.18 -15.68
N ILE B 70 6.42 -1.16 -15.36
CA ILE B 70 7.25 0.03 -15.35
C ILE B 70 8.63 -0.36 -15.91
N ARG B 71 9.24 0.56 -16.65
CA ARG B 71 10.57 0.36 -17.20
C ARG B 71 11.52 -0.03 -16.06
N ALA B 72 12.33 -1.10 -16.27
CA ALA B 72 13.20 -1.63 -15.24
C ALA B 72 14.37 -0.73 -14.90
N THR B 73 14.63 0.29 -15.71
CA THR B 73 15.60 1.32 -15.36
C THR B 73 15.24 1.97 -14.02
N ASN B 74 13.97 1.92 -13.64
CA ASN B 74 13.58 2.42 -12.31
C ASN B 74 14.20 1.61 -11.16
N LEU B 75 14.85 0.46 -11.44
CA LEU B 75 15.53 -0.34 -10.47
C LEU B 75 17.00 0.05 -10.37
N TRP B 76 17.53 0.95 -11.23
CA TRP B 76 18.93 1.30 -11.18
C TRP B 76 19.33 1.72 -9.77
N GLY B 77 20.44 1.14 -9.30
CA GLY B 77 20.99 1.49 -8.00
C GLY B 77 20.43 0.69 -6.83
N TYR B 78 19.37 -0.11 -7.02
CA TYR B 78 18.72 -0.77 -5.90
C TYR B 78 19.80 -1.63 -5.21
N THR B 79 20.51 -2.45 -5.98
CA THR B 79 21.51 -3.32 -5.36
C THR B 79 22.64 -2.54 -4.66
N ASP B 80 23.08 -1.43 -5.27
CA ASP B 80 24.10 -0.57 -4.69
C ASP B 80 23.62 0.05 -3.36
N LEU B 81 22.36 0.57 -3.31
CA LEU B 81 21.88 1.12 -2.04
C LEU B 81 21.75 0.03 -1.00
N MET B 82 21.23 -1.15 -1.39
CA MET B 82 21.02 -2.20 -0.41
C MET B 82 22.42 -2.58 0.14
N ARG B 83 23.45 -2.62 -0.70
CA ARG B 83 24.83 -2.89 -0.25
C ARG B 83 25.33 -1.83 0.73
N GLU B 84 25.07 -0.56 0.41
CA GLU B 84 25.43 0.56 1.28
C GLU B 84 24.82 0.37 2.67
N LEU B 85 23.61 -0.16 2.72
CA LEU B 85 22.90 -0.40 3.95
C LEU B 85 23.31 -1.72 4.63
N GLY B 86 24.18 -2.48 3.99
CA GLY B 86 24.59 -3.76 4.59
C GLY B 86 23.56 -4.87 4.40
N ALA B 87 22.73 -4.77 3.35
CA ALA B 87 21.62 -5.69 3.13
C ALA B 87 21.78 -6.41 1.80
N ASP B 88 21.41 -7.67 1.84
CA ASP B 88 21.39 -8.49 0.64
C ASP B 88 20.11 -8.17 -0.14
N PRO B 89 20.21 -7.72 -1.41
CA PRO B 89 19.00 -7.42 -2.17
C PRO B 89 18.25 -8.63 -2.69
N LEU B 90 18.96 -9.77 -2.80
CA LEU B 90 18.35 -10.90 -3.49
C LEU B 90 17.07 -11.39 -2.84
N PRO B 91 16.96 -11.57 -1.50
CA PRO B 91 15.69 -12.04 -0.94
C PRO B 91 14.52 -11.10 -1.22
N PHE B 92 14.78 -9.80 -1.32
CA PHE B 92 13.70 -8.86 -1.63
C PHE B 92 13.23 -8.95 -3.08
N LEU B 93 14.20 -8.99 -3.99
CA LEU B 93 13.94 -9.19 -5.41
C LEU B 93 13.14 -10.46 -5.62
N ARG B 94 13.51 -11.53 -4.89
CA ARG B 94 12.79 -12.80 -5.07
C ARG B 94 11.37 -12.74 -4.52
N ARG B 95 11.21 -12.16 -3.33
CA ARG B 95 9.91 -12.07 -2.71
C ARG B 95 8.94 -11.31 -3.60
N PHE B 96 9.39 -10.20 -4.20
CA PHE B 96 8.46 -9.43 -5.02
C PHE B 96 8.50 -9.71 -6.53
N ASP B 97 9.12 -10.84 -6.91
CA ASP B 97 9.03 -11.40 -8.27
C ASP B 97 9.65 -10.44 -9.27
N ILE B 98 10.76 -9.82 -8.87
CA ILE B 98 11.54 -8.99 -9.75
C ILE B 98 12.77 -9.81 -10.11
N PRO B 99 12.96 -10.12 -11.40
CA PRO B 99 14.12 -10.93 -11.76
C PRO B 99 15.44 -10.24 -11.50
N PRO B 100 16.40 -10.85 -10.73
CA PRO B 100 17.71 -10.23 -10.48
C PRO B 100 18.35 -10.03 -11.85
N GLY B 101 18.98 -8.90 -12.02
CA GLY B 101 19.65 -8.68 -13.29
C GLY B 101 18.81 -7.86 -14.28
N ILE B 102 17.52 -7.66 -13.98
CA ILE B 102 16.65 -6.92 -14.88
C ILE B 102 17.07 -5.45 -14.97
N GLU B 103 17.81 -4.98 -13.98
CA GLU B 103 18.24 -3.58 -13.95
C GLU B 103 19.22 -3.22 -15.08
N HIS B 104 19.87 -4.24 -15.66
CA HIS B 104 20.91 -4.09 -16.66
C HIS B 104 20.43 -4.58 -18.05
N GLN B 105 19.16 -4.95 -18.25
CA GLN B 105 18.63 -5.50 -19.49
C GLN B 105 17.87 -4.42 -20.22
N GLU B 106 18.38 -4.00 -21.39
CA GLU B 106 17.74 -2.87 -22.04
C GLU B 106 16.36 -3.30 -22.53
N ASP B 107 15.46 -2.33 -22.38
CA ASP B 107 14.06 -2.45 -22.75
C ASP B 107 13.27 -3.45 -21.92
N ALA B 108 13.78 -3.88 -20.76
CA ALA B 108 13.07 -4.74 -19.82
C ALA B 108 12.09 -3.90 -18.99
N PHE B 109 10.99 -4.53 -18.63
CA PHE B 109 9.94 -3.95 -17.79
C PHE B 109 9.71 -4.86 -16.60
N MET B 110 9.35 -4.31 -15.47
CA MET B 110 9.06 -5.02 -14.25
C MET B 110 7.68 -4.62 -13.72
N SER B 111 7.14 -5.41 -12.79
CA SER B 111 5.89 -5.10 -12.14
C SER B 111 5.99 -3.80 -11.32
N LEU B 112 5.08 -2.85 -11.62
CA LEU B 112 5.04 -1.66 -10.81
C LEU B 112 4.67 -1.97 -9.38
N ALA B 113 3.62 -2.76 -9.23
CA ALA B 113 3.16 -3.12 -7.88
C ALA B 113 4.27 -3.81 -7.11
N GLY B 114 5.01 -4.76 -7.74
CA GLY B 114 6.08 -5.46 -7.10
C GLY B 114 7.18 -4.51 -6.67
N PHE B 115 7.47 -3.54 -7.56
CA PHE B 115 8.51 -2.60 -7.32
C PHE B 115 8.17 -1.70 -6.13
N VAL B 116 7.01 -1.10 -6.09
CA VAL B 116 6.71 -0.20 -5.01
C VAL B 116 6.51 -0.93 -3.68
N ARG B 117 6.01 -2.16 -3.74
CA ARG B 117 5.89 -2.95 -2.53
C ARG B 117 7.28 -3.28 -2.01
N MET B 118 8.21 -3.60 -2.91
CA MET B 118 9.59 -3.84 -2.54
C MET B 118 10.28 -2.63 -1.91
N LEU B 119 9.99 -1.43 -2.41
CA LEU B 119 10.57 -0.25 -1.75
C LEU B 119 10.02 -0.11 -0.34
N GLU B 120 8.72 -0.35 -0.15
CA GLU B 120 8.14 -0.25 1.18
C GLU B 120 8.86 -1.22 2.14
N ALA B 121 8.98 -2.48 1.69
CA ALA B 121 9.53 -3.49 2.57
C ALA B 121 11.00 -3.19 2.87
N SER B 122 11.75 -2.67 1.89
CA SER B 122 13.13 -2.30 2.11
C SER B 122 13.23 -1.21 3.19
N ALA B 123 12.45 -0.15 3.00
CA ALA B 123 12.48 0.96 3.94
C ALA B 123 12.12 0.51 5.35
N ALA B 124 11.10 -0.33 5.45
CA ALA B 124 10.62 -0.76 6.77
C ALA B 124 11.60 -1.73 7.43
N GLU B 125 12.06 -2.73 6.69
CA GLU B 125 12.85 -3.77 7.33
C GLU B 125 14.23 -3.26 7.66
N LEU B 126 14.73 -2.27 6.91
CA LEU B 126 16.08 -1.78 7.18
C LEU B 126 16.09 -0.51 8.04
N ASP B 127 14.91 -0.01 8.42
CA ASP B 127 14.76 1.20 9.21
C ASP B 127 15.41 2.34 8.44
N CYS B 128 15.04 2.47 7.16
CA CYS B 128 15.66 3.42 6.25
C CYS B 128 14.54 4.29 5.61
N PRO B 129 13.99 5.26 6.36
CA PRO B 129 12.76 5.95 5.92
C PRO B 129 13.01 6.77 4.65
N ASP B 130 14.27 7.11 4.33
CA ASP B 130 14.65 7.91 3.20
C ASP B 130 15.18 7.03 2.06
N PHE B 131 14.78 5.76 2.00
CA PHE B 131 15.27 4.87 0.96
C PHE B 131 15.03 5.41 -0.45
N GLY B 132 13.78 5.78 -0.70
CA GLY B 132 13.47 6.27 -2.04
C GLY B 132 14.20 7.56 -2.40
N LEU B 133 14.22 8.52 -1.46
CA LEU B 133 14.97 9.72 -1.75
C LEU B 133 16.42 9.38 -2.12
N ARG B 134 17.03 8.48 -1.35
CA ARG B 134 18.43 8.15 -1.58
C ARG B 134 18.65 7.41 -2.90
N LEU B 135 17.66 6.57 -3.28
CA LEU B 135 17.87 5.77 -4.50
C LEU B 135 17.95 6.63 -5.74
N ALA B 136 17.34 7.84 -5.74
CA ALA B 136 17.41 8.70 -6.92
C ALA B 136 18.83 9.12 -7.32
N ARG B 137 19.79 9.02 -6.37
CA ARG B 137 21.21 9.30 -6.69
C ARG B 137 21.78 8.45 -7.83
N TRP B 138 21.21 7.30 -8.10
CA TRP B 138 21.62 6.41 -9.15
C TRP B 138 20.74 6.49 -10.39
N GLN B 139 19.75 7.39 -10.40
CA GLN B 139 18.70 7.43 -11.42
C GLN B 139 18.75 8.73 -12.20
N GLY B 140 17.74 9.58 -12.04
CA GLY B 140 17.62 10.83 -12.76
C GLY B 140 17.03 10.62 -14.15
N LEU B 141 17.25 11.58 -15.05
CA LEU B 141 16.52 11.63 -16.31
C LEU B 141 16.71 10.38 -17.18
N GLY B 142 17.92 9.83 -17.11
CA GLY B 142 18.31 8.67 -17.92
C GLY B 142 17.39 7.48 -17.81
N ILE B 143 16.67 7.35 -16.69
CA ILE B 143 15.79 6.20 -16.51
C ILE B 143 14.60 6.26 -17.45
N LEU B 144 14.27 7.44 -18.00
CA LEU B 144 13.10 7.59 -18.85
C LEU B 144 13.38 7.08 -20.27
N GLY B 145 14.65 6.74 -20.54
CA GLY B 145 14.94 6.02 -21.80
C GLY B 145 14.42 6.77 -23.03
N PRO B 146 13.50 6.20 -23.86
CA PRO B 146 13.03 6.92 -25.07
C PRO B 146 12.35 8.26 -24.74
N VAL B 147 11.72 8.31 -23.56
CA VAL B 147 11.05 9.56 -23.18
C VAL B 147 12.06 10.65 -22.84
N ALA B 148 13.24 10.29 -22.32
CA ALA B 148 14.34 11.21 -22.07
C ALA B 148 14.89 11.80 -23.38
N VAL B 149 14.92 10.97 -24.43
CA VAL B 149 15.36 11.49 -25.74
C VAL B 149 14.44 12.61 -26.20
N ILE B 150 13.14 12.38 -26.08
CA ILE B 150 12.14 13.35 -26.42
C ILE B 150 12.27 14.62 -25.55
N ALA B 151 12.39 14.51 -24.23
CA ALA B 151 12.43 15.66 -23.37
C ALA B 151 13.67 16.51 -23.68
N ARG B 152 14.81 15.87 -23.86
CA ARG B 152 16.08 16.59 -24.06
C ARG B 152 16.04 17.46 -25.31
N ASN B 153 15.19 17.09 -26.27
CA ASN B 153 15.05 17.80 -27.54
C ASN B 153 13.98 18.89 -27.56
N ALA B 154 13.27 19.11 -26.48
CA ALA B 154 12.27 20.17 -26.44
C ALA B 154 12.95 21.55 -26.39
N ALA B 155 12.14 22.60 -26.63
CA ALA B 155 12.70 23.94 -26.73
C ALA B 155 12.97 24.57 -25.36
N THR B 156 12.07 24.35 -24.39
CA THR B 156 12.15 25.02 -23.09
C THR B 156 11.99 23.96 -22.01
N LEU B 157 12.32 24.32 -20.78
CA LEU B 157 12.15 23.45 -19.63
C LEU B 157 10.69 23.04 -19.56
N PHE B 158 9.71 23.94 -19.70
CA PHE B 158 8.32 23.58 -19.68
C PHE B 158 8.00 22.52 -20.76
N GLY B 159 8.54 22.69 -21.96
CA GLY B 159 8.35 21.76 -23.05
C GLY B 159 8.92 20.37 -22.74
N GLY B 160 10.05 20.31 -22.05
CA GLY B 160 10.67 19.04 -21.71
C GLY B 160 9.84 18.32 -20.66
N LEU B 161 9.48 19.04 -19.60
CA LEU B 161 8.68 18.44 -18.56
C LEU B 161 7.30 18.04 -19.11
N GLU B 162 6.64 18.85 -19.98
CA GLU B 162 5.32 18.53 -20.49
C GLU B 162 5.37 17.33 -21.45
N ALA B 163 6.49 17.14 -22.15
CA ALA B 163 6.63 15.98 -22.99
C ALA B 163 6.72 14.72 -22.13
N ILE B 164 7.49 14.84 -21.03
CA ILE B 164 7.51 13.73 -20.06
C ILE B 164 6.09 13.41 -19.63
N GLY B 165 5.33 14.41 -19.22
CA GLY B 165 3.95 14.20 -18.83
C GLY B 165 3.10 13.56 -19.93
N ARG B 166 3.22 14.10 -21.14
CA ARG B 166 2.42 13.54 -22.21
C ARG B 166 2.71 12.03 -22.45
N TYR B 167 3.98 11.70 -22.37
CA TYR B 167 4.35 10.33 -22.74
C TYR B 167 4.67 9.48 -21.52
N LEU B 168 4.19 9.83 -20.33
CA LEU B 168 4.67 9.10 -19.17
C LEU B 168 4.18 7.66 -19.16
N TYR B 169 3.06 7.42 -19.87
CA TYR B 169 2.52 6.07 -19.98
C TYR B 169 3.50 5.15 -20.67
N VAL B 170 4.44 5.67 -21.46
CA VAL B 170 5.51 4.86 -22.04
C VAL B 170 6.44 4.26 -20.99
N HIS B 171 6.69 4.98 -19.92
CA HIS B 171 7.45 4.55 -18.76
C HIS B 171 6.63 3.59 -17.91
N SER B 172 5.42 3.97 -17.56
CA SER B 172 4.49 3.11 -16.87
C SER B 172 3.07 3.61 -17.11
N PRO B 173 2.10 2.80 -17.54
CA PRO B 173 0.73 3.26 -17.64
C PRO B 173 0.07 3.63 -16.33
N ALA B 174 0.71 3.28 -15.21
CA ALA B 174 0.11 3.60 -13.93
C ALA B 174 0.58 4.91 -13.32
N LEU B 175 1.32 5.70 -14.09
CA LEU B 175 1.76 7.01 -13.60
C LEU B 175 1.12 8.12 -14.41
N THR B 176 0.69 9.18 -13.71
CA THR B 176 0.00 10.30 -14.37
C THR B 176 0.64 11.61 -13.91
N LEU B 177 1.06 12.44 -14.84
CA LEU B 177 1.49 13.81 -14.56
C LEU B 177 0.45 14.76 -15.14
N THR B 178 -0.02 15.72 -14.30
CA THR B 178 -0.93 16.78 -14.71
C THR B 178 -0.20 18.15 -14.70
N VAL B 179 -0.08 18.78 -15.82
CA VAL B 179 0.69 19.99 -15.91
C VAL B 179 -0.37 21.10 -16.01
N SER B 180 -0.40 22.05 -15.09
CA SER B 180 -1.49 23.04 -15.10
C SER B 180 -0.97 24.43 -14.71
N SER B 181 -1.67 25.44 -15.24
CA SER B 181 -1.42 26.83 -14.84
C SER B 181 -2.79 27.48 -14.86
N THR B 182 -2.98 28.44 -13.94
CA THR B 182 -4.27 29.10 -13.84
C THR B 182 -4.05 30.61 -13.60
N THR B 183 -5.01 31.41 -14.05
CA THR B 183 -5.00 32.84 -13.76
C THR B 183 -4.93 33.06 -12.28
N ALA B 184 -5.58 32.20 -11.50
CA ALA B 184 -5.83 32.47 -10.10
C ALA B 184 -4.63 32.20 -9.20
N ARG B 185 -3.60 31.53 -9.66
CA ARG B 185 -2.51 31.13 -8.77
C ARG B 185 -1.18 31.39 -9.45
N SER B 186 -0.10 31.57 -8.65
CA SER B 186 1.25 31.61 -9.20
C SER B 186 1.70 30.23 -9.70
N ASN B 187 2.59 30.28 -10.65
CA ASN B 187 3.49 29.21 -11.07
C ASN B 187 2.80 28.15 -11.95
N VAL B 188 3.63 27.28 -12.54
CA VAL B 188 3.15 26.12 -13.28
C VAL B 188 3.29 24.92 -12.35
N ARG B 189 2.21 24.15 -12.24
CA ARG B 189 2.15 23.02 -11.32
C ARG B 189 2.28 21.70 -12.11
N PHE B 190 3.07 20.80 -11.53
CA PHE B 190 3.34 19.47 -12.08
C PHE B 190 2.85 18.50 -11.03
N GLY B 191 1.61 18.03 -11.21
CA GLY B 191 0.92 17.19 -10.26
C GLY B 191 1.08 15.71 -10.64
N TYR B 192 1.46 14.88 -9.68
CA TYR B 192 1.89 13.54 -10.03
C TYR B 192 1.06 12.56 -9.21
N GLU B 193 0.64 11.46 -9.85
CA GLU B 193 -0.12 10.44 -9.15
C GLU B 193 0.33 9.08 -9.60
N VAL B 194 0.50 8.14 -8.65
CA VAL B 194 0.58 6.72 -8.95
C VAL B 194 -0.85 6.19 -8.91
N THR B 195 -1.40 5.81 -10.07
CA THR B 195 -2.81 5.41 -10.16
C THR B 195 -3.01 3.91 -10.03
N GLU B 196 -1.95 3.13 -9.85
CA GLU B 196 -2.08 1.67 -9.76
C GLU B 196 -3.04 1.36 -8.61
N PRO B 197 -4.09 0.55 -8.90
CA PRO B 197 -4.99 0.12 -7.83
C PRO B 197 -4.37 -1.05 -7.09
N GLY B 198 -4.84 -1.23 -5.84
CA GLY B 198 -4.63 -2.49 -5.14
C GLY B 198 -3.20 -2.66 -4.67
N ILE B 199 -2.59 -1.54 -4.21
CA ILE B 199 -1.25 -1.54 -3.66
C ILE B 199 -1.26 -0.80 -2.31
N PRO B 200 -0.26 -1.05 -1.48
CA PRO B 200 -0.01 -0.13 -0.38
C PRO B 200 0.28 1.25 -0.97
N TYR B 201 -0.09 2.27 -0.25
CA TYR B 201 0.25 3.65 -0.62
C TYR B 201 1.75 3.68 -0.80
N PRO B 202 2.25 4.08 -2.02
CA PRO B 202 3.67 3.97 -2.29
C PRO B 202 4.48 5.17 -1.88
N LEU B 203 4.64 5.27 -0.56
CA LEU B 203 5.32 6.47 -0.03
C LEU B 203 6.73 6.55 -0.59
N GLN B 204 7.50 5.48 -0.47
CA GLN B 204 8.87 5.52 -0.96
C GLN B 204 8.91 5.77 -2.46
N GLY B 205 7.98 5.16 -3.20
CA GLY B 205 7.92 5.42 -4.63
C GLY B 205 7.64 6.89 -4.99
N TYR B 206 6.75 7.51 -4.25
CA TYR B 206 6.51 8.93 -4.43
C TYR B 206 7.75 9.77 -4.15
N GLU B 207 8.48 9.45 -3.07
CA GLU B 207 9.66 10.22 -2.71
C GLU B 207 10.76 9.97 -3.73
N LEU B 208 10.98 8.75 -4.18
CA LEU B 208 11.90 8.49 -5.29
C LEU B 208 11.49 9.28 -6.55
N SER B 209 10.19 9.32 -6.87
CA SER B 209 9.71 10.05 -8.03
C SER B 209 10.10 11.53 -7.92
N MET B 210 9.86 12.12 -6.75
CA MET B 210 10.14 13.54 -6.64
C MET B 210 11.62 13.83 -6.53
N ALA B 211 12.39 12.97 -5.91
CA ALA B 211 13.85 13.15 -5.91
C ALA B 211 14.41 13.05 -7.31
N ASN B 212 13.84 12.16 -8.11
CA ASN B 212 14.18 12.08 -9.53
C ASN B 212 13.77 13.35 -10.29
N ALA B 213 12.60 13.88 -10.01
CA ALA B 213 12.12 15.10 -10.67
C ALA B 213 13.10 16.21 -10.36
N ALA B 214 13.55 16.35 -9.12
CA ALA B 214 14.49 17.40 -8.78
C ALA B 214 15.73 17.28 -9.64
N ARG B 215 16.24 16.07 -9.87
CA ARG B 215 17.39 15.86 -10.73
C ARG B 215 17.08 16.28 -12.15
N MET B 216 15.90 15.93 -12.64
CA MET B 216 15.47 16.20 -14.01
C MET B 216 15.39 17.70 -14.26
N ILE B 217 14.96 18.48 -13.23
CA ILE B 217 14.85 19.92 -13.29
C ILE B 217 16.25 20.49 -13.46
N ARG B 218 17.19 19.96 -12.70
CA ARG B 218 18.58 20.45 -12.76
C ARG B 218 19.17 20.13 -14.10
N LEU B 219 18.89 18.95 -14.64
CA LEU B 219 19.54 18.59 -15.89
C LEU B 219 18.96 19.35 -17.08
N LEU B 220 17.62 19.50 -17.16
CA LEU B 220 16.99 20.18 -18.26
C LEU B 220 17.05 21.69 -18.05
N GLY B 221 17.04 22.15 -16.82
CA GLY B 221 16.96 23.56 -16.49
C GLY B 221 18.29 24.20 -16.12
N GLY B 222 19.38 23.43 -16.05
CA GLY B 222 20.64 24.01 -15.59
C GLY B 222 20.89 23.89 -14.08
N PRO B 223 22.16 23.94 -13.64
CA PRO B 223 22.49 23.40 -12.32
C PRO B 223 21.93 24.22 -11.17
N GLN B 224 21.50 25.47 -11.42
CA GLN B 224 20.85 26.28 -10.41
C GLN B 224 19.31 26.15 -10.42
N ALA B 225 18.73 25.37 -11.34
CA ALA B 225 17.28 25.29 -11.45
C ALA B 225 16.71 24.51 -10.27
N ARG B 226 15.66 25.04 -9.65
CA ARG B 226 14.98 24.47 -8.51
C ARG B 226 13.48 24.68 -8.70
N ALA B 227 12.69 23.72 -8.25
CA ALA B 227 11.29 23.95 -8.05
C ALA B 227 11.09 25.02 -6.99
N ARG B 228 9.94 25.67 -7.02
CA ARG B 228 9.52 26.52 -5.95
C ARG B 228 9.04 25.75 -4.73
N VAL B 229 8.43 24.56 -4.89
CA VAL B 229 7.90 23.74 -3.80
C VAL B 229 7.78 22.30 -4.34
N PHE B 230 8.00 21.35 -3.45
CA PHE B 230 7.55 19.95 -3.58
C PHE B 230 6.42 19.70 -2.61
N SER B 231 5.40 18.91 -3.01
CA SER B 231 4.26 18.61 -2.21
C SER B 231 4.06 17.09 -2.17
N PHE B 232 3.74 16.54 -1.00
CA PHE B 232 3.34 15.13 -0.83
C PHE B 232 2.00 14.99 -0.16
N ARG B 233 1.32 13.88 -0.39
CA ARG B 233 0.06 13.56 0.26
C ARG B 233 0.29 13.08 1.70
N HIS B 234 1.40 12.39 1.96
CA HIS B 234 1.66 11.73 3.23
C HIS B 234 2.34 12.67 4.22
N ALA B 235 2.35 12.22 5.46
CA ALA B 235 3.05 12.92 6.53
C ALA B 235 4.54 12.71 6.35
N GLN B 236 5.38 13.67 6.78
CA GLN B 236 6.81 13.51 6.70
C GLN B 236 7.37 12.28 7.42
N LEU B 237 8.24 11.53 6.74
CA LEU B 237 8.77 10.32 7.33
C LEU B 237 10.22 10.50 7.70
N GLY B 238 11.08 10.78 6.75
CA GLY B 238 12.50 10.96 7.02
C GLY B 238 12.77 12.30 7.73
N THR B 239 14.07 12.55 7.90
CA THR B 239 14.49 13.73 8.59
C THR B 239 14.35 14.96 7.72
N ASP B 240 14.31 16.14 8.34
CA ASP B 240 14.31 17.37 7.57
C ASP B 240 15.55 17.42 6.67
N ALA B 241 16.71 16.93 7.14
CA ALA B 241 17.92 17.02 6.33
C ALA B 241 17.82 16.15 5.07
N ALA B 242 17.18 14.99 5.21
CA ALA B 242 17.09 14.12 4.03
C ALA B 242 16.27 14.79 2.93
N TYR B 243 15.11 15.39 3.34
CA TYR B 243 14.28 16.05 2.35
C TYR B 243 14.98 17.26 1.71
N ARG B 244 15.73 18.01 2.53
CA ARG B 244 16.42 19.20 2.04
C ARG B 244 17.49 18.85 0.99
N GLU B 245 18.23 17.78 1.28
CA GLU B 245 19.31 17.34 0.41
C GLU B 245 18.74 16.89 -0.92
N ALA B 246 17.62 16.15 -0.90
CA ALA B 246 17.10 15.62 -2.15
C ALA B 246 16.28 16.66 -2.92
N LEU B 247 15.49 17.51 -2.23
CA LEU B 247 14.48 18.34 -2.87
C LEU B 247 14.73 19.86 -2.69
N GLY B 248 15.47 20.24 -1.62
CA GLY B 248 15.97 21.59 -1.35
C GLY B 248 14.89 22.59 -0.98
N CYS B 249 14.10 22.88 -2.00
CA CYS B 249 12.76 23.36 -1.76
C CYS B 249 12.30 23.13 -0.33
N THR B 250 11.63 24.14 0.12
CA THR B 250 10.30 24.05 0.66
C THR B 250 9.60 22.76 0.21
N VAL B 251 9.33 21.97 1.22
CA VAL B 251 8.64 20.69 1.06
C VAL B 251 7.45 20.74 1.96
N ARG B 252 6.29 20.41 1.40
CA ARG B 252 5.04 20.38 2.10
C ARG B 252 4.41 18.99 2.16
N PHE B 253 3.84 18.64 3.31
CA PHE B 253 3.34 17.32 3.63
C PHE B 253 1.86 17.37 4.01
N GLY B 254 1.25 16.21 3.88
CA GLY B 254 -0.15 16.05 4.25
C GLY B 254 -1.05 16.86 3.35
N ARG B 255 -0.69 17.07 2.07
CA ARG B 255 -1.42 17.95 1.17
C ARG B 255 -2.44 17.20 0.30
N THR B 256 -3.22 17.95 -0.49
CA THR B 256 -4.25 17.39 -1.34
C THR B 256 -3.69 16.92 -2.69
N TRP B 257 -2.38 17.20 -2.94
CA TRP B 257 -1.77 16.87 -4.21
C TRP B 257 -0.29 16.60 -3.96
N CYS B 258 0.31 15.84 -4.86
CA CYS B 258 1.73 15.52 -4.90
C CYS B 258 2.32 16.11 -6.14
N GLY B 259 3.52 16.67 -6.04
CA GLY B 259 4.26 17.12 -7.19
C GLY B 259 5.09 18.36 -6.85
N PHE B 260 5.28 19.22 -7.85
CA PHE B 260 6.12 20.40 -7.66
C PHE B 260 5.56 21.54 -8.48
N GLU B 261 6.08 22.75 -8.21
CA GLU B 261 5.79 23.92 -9.02
C GLU B 261 7.07 24.58 -9.48
N VAL B 262 7.01 25.19 -10.67
CA VAL B 262 8.10 25.98 -11.20
C VAL B 262 7.53 27.33 -11.62
N ASP B 263 8.29 28.40 -11.40
CA ASP B 263 7.74 29.64 -11.88
C ASP B 263 7.97 29.78 -13.36
N HIS B 264 7.19 30.74 -13.96
CA HIS B 264 7.21 30.92 -15.40
C HIS B 264 8.57 31.33 -15.96
N ARG B 265 9.35 32.08 -15.17
CA ARG B 265 10.67 32.48 -15.66
C ARG B 265 11.56 31.25 -15.89
N LEU B 266 11.54 30.28 -14.98
CA LEU B 266 12.30 29.05 -15.15
C LEU B 266 11.67 28.12 -16.17
N ALA B 267 10.33 28.03 -16.17
CA ALA B 267 9.65 27.22 -17.17
C ALA B 267 9.96 27.60 -18.60
N GLY B 268 10.10 28.93 -18.86
CA GLY B 268 10.39 29.38 -20.21
C GLY B 268 11.87 29.37 -20.61
N ARG B 269 12.75 28.92 -19.69
CA ARG B 269 14.17 28.87 -19.97
C ARG B 269 14.46 27.91 -21.11
N PRO B 270 15.23 28.28 -22.15
CA PRO B 270 15.62 27.32 -23.17
C PRO B 270 16.47 26.18 -22.60
N ILE B 271 16.28 24.96 -23.11
CA ILE B 271 17.10 23.85 -22.70
C ILE B 271 18.54 24.01 -23.31
#